data_1Q7C
#
_entry.id   1Q7C
#
_cell.length_a   75.857
_cell.length_b   95.857
_cell.length_c   131.617
_cell.angle_alpha   90.00
_cell.angle_beta   90.00
_cell.angle_gamma   90.00
#
_symmetry.space_group_name_H-M   'C 2 2 21'
#
loop_
_entity.id
_entity.type
_entity.pdbx_description
1 polymer '3-oxoacyl-[acyl-carrier protein] reductase'
2 non-polymer 'NADPH DIHYDRO-NICOTINAMIDE-ADENINE-DINUCLEOTIDE PHOSPHATE'
3 water water
#
_entity_poly.entity_id   1
_entity_poly.type   'polypeptide(L)'
_entity_poly.pdbx_seq_one_letter_code
;MNFEGKIALVTGASRGIGRAIAETLAARGAKVIGTATSENGAQAISDYLGANGKGLMLNVTDPASIESVLEKIRAEFGEV
DILVNNAGITRDNLLMRMKDEEWNDIIETNLSSVFRLSKAVMRAMMKKRHGRIITIGSVVGTMGNGGQANFAAAKAGLIG
FSKSLAREVASRGITVNVVAPGFIETDMTRALSDDQRAGILAQVPAGRLGGAQEIANAVAFLASDEAAYITGETLHVNGG
MYMV
;
_entity_poly.pdbx_strand_id   A,B
#
loop_
_chem_comp.id
_chem_comp.type
_chem_comp.name
_chem_comp.formula
NDP non-polymer 'NADPH DIHYDRO-NICOTINAMIDE-ADENINE-DINUCLEOTIDE PHOSPHATE' 'C21 H30 N7 O17 P3'
#
# COMPACT_ATOMS: atom_id res chain seq x y z
N ASN A 2 14.57 7.06 -27.50
CA ASN A 2 15.95 6.56 -27.77
C ASN A 2 16.85 6.74 -26.54
N PHE A 3 17.24 5.61 -25.95
CA PHE A 3 18.07 5.61 -24.75
C PHE A 3 19.52 5.29 -25.00
N GLU A 4 20.09 5.88 -26.05
CA GLU A 4 21.49 5.65 -26.39
C GLU A 4 22.39 5.81 -25.18
N GLY A 5 23.02 4.71 -24.77
CA GLY A 5 23.94 4.80 -23.64
C GLY A 5 23.29 4.68 -22.28
N LYS A 6 21.99 4.40 -22.25
CA LYS A 6 21.28 4.23 -21.00
C LYS A 6 21.26 2.78 -20.62
N ILE A 7 21.32 2.51 -19.32
CA ILE A 7 21.28 1.15 -18.82
C ILE A 7 19.99 0.95 -18.06
N ALA A 8 19.23 -0.06 -18.45
CA ALA A 8 17.96 -0.35 -17.80
C ALA A 8 17.93 -1.73 -17.21
N LEU A 9 17.37 -1.83 -16.01
CA LEU A 9 17.23 -3.10 -15.31
C LEU A 9 15.74 -3.38 -15.23
N VAL A 10 15.29 -4.45 -15.88
CA VAL A 10 13.88 -4.81 -15.86
C VAL A 10 13.67 -6.13 -15.11
N THR A 11 13.17 -6.03 -13.88
CA THR A 11 12.93 -7.22 -13.06
C THR A 11 11.72 -8.03 -13.56
N GLY A 12 11.87 -9.36 -13.56
CA GLY A 12 10.80 -10.23 -14.02
C GLY A 12 10.51 -10.09 -15.50
N ALA A 13 11.56 -10.13 -16.32
CA ALA A 13 11.43 -9.96 -17.76
C ALA A 13 11.36 -11.25 -18.57
N SER A 14 10.89 -12.34 -17.98
CA SER A 14 10.79 -13.62 -18.70
C SER A 14 9.75 -13.65 -19.83
N ARG A 15 8.61 -13.00 -19.62
CA ARG A 15 7.55 -12.99 -20.62
C ARG A 15 6.58 -11.80 -20.50
N GLY A 16 5.49 -11.88 -21.25
CA GLY A 16 4.50 -10.83 -21.27
C GLY A 16 5.02 -9.40 -21.12
N ILE A 17 4.39 -8.67 -20.21
CA ILE A 17 4.75 -7.30 -19.95
C ILE A 17 6.25 -7.15 -19.72
N GLY A 18 6.78 -7.94 -18.81
CA GLY A 18 8.20 -7.85 -18.50
C GLY A 18 9.09 -7.93 -19.74
N ARG A 19 8.85 -8.94 -20.56
CA ARG A 19 9.62 -9.13 -21.78
C ARG A 19 9.42 -8.01 -22.79
N ALA A 20 8.17 -7.64 -23.05
CA ALA A 20 7.90 -6.58 -24.00
C ALA A 20 8.64 -5.30 -23.58
N ILE A 21 8.69 -5.03 -22.28
CA ILE A 21 9.39 -3.87 -21.77
C ILE A 21 10.88 -4.00 -22.10
N ALA A 22 11.44 -5.18 -21.80
CA ALA A 22 12.85 -5.44 -22.04
C ALA A 22 13.23 -5.29 -23.51
N GLU A 23 12.40 -5.84 -24.39
CA GLU A 23 12.64 -5.77 -25.83
C GLU A 23 12.44 -4.36 -26.38
N THR A 24 11.44 -3.63 -25.87
CA THR A 24 11.18 -2.29 -26.36
C THR A 24 12.29 -1.32 -25.97
N LEU A 25 12.78 -1.42 -24.74
CA LEU A 25 13.85 -0.53 -24.31
C LEU A 25 15.11 -0.85 -25.13
N ALA A 26 15.35 -2.15 -25.35
CA ALA A 26 16.50 -2.61 -26.13
C ALA A 26 16.41 -2.13 -27.58
N ALA A 27 15.24 -2.28 -28.18
CA ALA A 27 15.03 -1.85 -29.56
C ALA A 27 15.27 -0.34 -29.71
N ARG A 28 15.05 0.41 -28.63
CA ARG A 28 15.24 1.85 -28.70
C ARG A 28 16.62 2.31 -28.21
N GLY A 29 17.59 1.39 -28.20
CA GLY A 29 18.96 1.74 -27.85
C GLY A 29 19.54 1.51 -26.46
N ALA A 30 18.76 1.02 -25.51
CA ALA A 30 19.30 0.83 -24.17
C ALA A 30 19.91 -0.56 -23.98
N LYS A 31 20.91 -0.65 -23.10
CA LYS A 31 21.51 -1.93 -22.81
C LYS A 31 20.63 -2.40 -21.66
N VAL A 32 19.92 -3.49 -21.92
CA VAL A 32 18.95 -4.05 -20.98
C VAL A 32 19.35 -5.28 -20.20
N ILE A 33 19.08 -5.27 -18.91
CA ILE A 33 19.36 -6.44 -18.06
C ILE A 33 18.00 -6.94 -17.54
N GLY A 34 17.51 -8.04 -18.10
CA GLY A 34 16.24 -8.58 -17.65
C GLY A 34 16.52 -9.65 -16.60
N THR A 35 15.59 -9.87 -15.68
CA THR A 35 15.82 -10.87 -14.65
C THR A 35 14.76 -11.96 -14.54
N ALA A 36 15.18 -13.08 -13.97
CA ALA A 36 14.31 -14.22 -13.76
C ALA A 36 14.73 -14.85 -12.43
N THR A 37 13.91 -15.77 -11.93
CA THR A 37 14.20 -16.44 -10.67
C THR A 37 15.09 -17.66 -10.88
N SER A 38 15.06 -18.21 -12.09
CA SER A 38 15.86 -19.39 -12.43
C SER A 38 16.97 -19.10 -13.44
N GLU A 39 18.04 -19.88 -13.39
CA GLU A 39 19.15 -19.72 -14.32
C GLU A 39 18.65 -19.92 -15.76
N ASN A 40 17.60 -20.74 -15.90
CA ASN A 40 17.01 -20.99 -17.21
C ASN A 40 16.56 -19.66 -17.77
N GLY A 41 15.63 -19.05 -17.06
CA GLY A 41 15.06 -17.78 -17.46
C GLY A 41 16.11 -16.75 -17.81
N ALA A 42 17.10 -16.58 -16.95
CA ALA A 42 18.15 -15.62 -17.20
C ALA A 42 18.68 -15.90 -18.61
N GLN A 43 19.12 -17.14 -18.83
CA GLN A 43 19.65 -17.54 -20.13
C GLN A 43 18.65 -17.29 -21.25
N ALA A 44 17.37 -17.62 -21.03
CA ALA A 44 16.37 -17.40 -22.08
C ALA A 44 16.32 -15.90 -22.40
N ILE A 45 16.33 -15.09 -21.34
CA ILE A 45 16.28 -13.64 -21.49
C ILE A 45 17.52 -13.19 -22.25
N SER A 46 18.68 -13.74 -21.89
CA SER A 46 19.93 -13.39 -22.58
C SER A 46 19.85 -13.73 -24.06
N ASP A 47 19.24 -14.86 -24.40
CA ASP A 47 19.11 -15.27 -25.78
C ASP A 47 18.25 -14.27 -26.60
N TYR A 48 17.08 -13.89 -26.08
CA TYR A 48 16.26 -12.96 -26.85
C TYR A 48 16.78 -11.54 -26.85
N LEU A 49 17.55 -11.16 -25.84
CA LEU A 49 18.10 -9.81 -25.81
C LEU A 49 19.35 -9.75 -26.66
N GLY A 50 20.02 -10.89 -26.78
CA GLY A 50 21.24 -10.98 -27.58
C GLY A 50 22.36 -10.09 -27.13
N ALA A 51 22.84 -9.25 -28.05
CA ALA A 51 23.93 -8.32 -27.76
C ALA A 51 23.42 -7.01 -27.16
N ASN A 52 22.11 -6.88 -27.03
CA ASN A 52 21.53 -5.66 -26.46
C ASN A 52 21.53 -5.68 -24.94
N GLY A 53 21.59 -6.89 -24.38
CA GLY A 53 21.60 -7.00 -22.94
C GLY A 53 22.03 -8.36 -22.39
N LYS A 54 21.55 -8.67 -21.20
CA LYS A 54 21.89 -9.93 -20.55
C LYS A 54 20.80 -10.32 -19.56
N GLY A 55 20.71 -11.61 -19.28
CA GLY A 55 19.74 -12.09 -18.32
C GLY A 55 20.47 -12.46 -17.06
N LEU A 56 19.90 -12.11 -15.90
CA LEU A 56 20.51 -12.44 -14.63
C LEU A 56 19.44 -13.00 -13.70
N MET A 57 19.86 -13.92 -12.84
CA MET A 57 18.94 -14.51 -11.87
C MET A 57 18.85 -13.54 -10.71
N LEU A 58 17.62 -13.26 -10.29
CA LEU A 58 17.38 -12.34 -9.19
C LEU A 58 16.14 -12.73 -8.40
N ASN A 59 16.21 -12.52 -7.09
CA ASN A 59 15.09 -12.77 -6.20
C ASN A 59 14.92 -11.43 -5.51
N VAL A 60 13.86 -10.71 -5.87
CA VAL A 60 13.61 -9.40 -5.31
C VAL A 60 13.32 -9.38 -3.80
N THR A 61 13.19 -10.55 -3.18
CA THR A 61 12.95 -10.58 -1.74
C THR A 61 14.21 -10.94 -0.98
N ASP A 62 15.27 -11.29 -1.71
CA ASP A 62 16.54 -11.66 -1.09
C ASP A 62 17.57 -10.54 -1.19
N PRO A 63 17.80 -9.80 -0.10
CA PRO A 63 18.77 -8.70 -0.05
C PRO A 63 20.11 -9.06 -0.65
N ALA A 64 20.51 -10.32 -0.46
CA ALA A 64 21.77 -10.82 -0.98
C ALA A 64 21.74 -10.87 -2.49
N SER A 65 20.66 -11.45 -3.02
CA SER A 65 20.48 -11.58 -4.46
C SER A 65 20.45 -10.19 -5.12
N ILE A 66 19.82 -9.24 -4.45
CA ILE A 66 19.70 -7.88 -4.96
C ILE A 66 21.07 -7.23 -5.09
N GLU A 67 21.86 -7.33 -4.02
CA GLU A 67 23.23 -6.80 -3.97
C GLU A 67 24.02 -7.39 -5.10
N SER A 68 24.10 -8.72 -5.06
CA SER A 68 24.80 -9.54 -6.03
C SER A 68 24.50 -9.21 -7.48
N VAL A 69 23.23 -9.16 -7.84
CA VAL A 69 22.85 -8.85 -9.22
C VAL A 69 23.32 -7.48 -9.65
N LEU A 70 23.14 -6.49 -8.79
CA LEU A 70 23.57 -5.13 -9.12
C LEU A 70 25.07 -5.09 -9.31
N GLU A 71 25.76 -5.85 -8.48
CA GLU A 71 27.21 -5.94 -8.51
C GLU A 71 27.66 -6.38 -9.90
N LYS A 72 27.05 -7.46 -10.39
CA LYS A 72 27.38 -8.00 -11.70
C LYS A 72 27.06 -7.02 -12.82
N ILE A 73 26.06 -6.16 -12.60
CA ILE A 73 25.66 -5.17 -13.60
C ILE A 73 26.66 -3.99 -13.65
N ARG A 74 27.10 -3.52 -12.49
CA ARG A 74 28.07 -2.43 -12.46
C ARG A 74 29.40 -2.86 -13.07
N ALA A 75 29.71 -4.15 -12.95
CA ALA A 75 30.95 -4.70 -13.48
C ALA A 75 30.94 -4.89 -15.00
N GLU A 76 29.87 -5.46 -15.52
CA GLU A 76 29.78 -5.72 -16.96
C GLU A 76 29.16 -4.61 -17.80
N PHE A 77 28.32 -3.77 -17.19
CA PHE A 77 27.68 -2.69 -17.93
C PHE A 77 27.87 -1.30 -17.34
N GLY A 78 27.58 -1.16 -16.05
CA GLY A 78 27.72 0.13 -15.40
C GLY A 78 26.55 0.44 -14.47
N GLU A 79 26.40 1.71 -14.11
CA GLU A 79 25.31 2.11 -13.22
C GLU A 79 23.94 2.07 -13.89
N VAL A 80 22.92 1.69 -13.13
CA VAL A 80 21.57 1.61 -13.64
C VAL A 80 20.91 2.99 -13.76
N ASP A 81 20.45 3.31 -14.97
CA ASP A 81 19.81 4.59 -15.25
C ASP A 81 18.28 4.46 -15.20
N ILE A 82 17.78 3.31 -15.62
CA ILE A 82 16.35 3.08 -15.64
C ILE A 82 15.98 1.80 -14.92
N LEU A 83 15.15 1.91 -13.89
CA LEU A 83 14.71 0.74 -13.14
C LEU A 83 13.25 0.50 -13.42
N VAL A 84 12.92 -0.71 -13.85
CA VAL A 84 11.54 -1.07 -14.09
C VAL A 84 11.17 -2.24 -13.20
N ASN A 85 10.43 -1.95 -12.14
CA ASN A 85 9.98 -2.98 -11.21
C ASN A 85 8.73 -3.66 -11.81
N ASN A 86 8.90 -4.85 -12.37
CA ASN A 86 7.79 -5.57 -12.94
C ASN A 86 7.65 -6.94 -12.30
N ALA A 87 8.58 -7.30 -11.42
CA ALA A 87 8.51 -8.60 -10.76
C ALA A 87 7.34 -8.55 -9.81
N GLY A 88 6.53 -9.61 -9.78
CA GLY A 88 5.40 -9.63 -8.88
C GLY A 88 4.65 -10.94 -9.03
N ILE A 89 3.82 -11.27 -8.05
CA ILE A 89 3.06 -12.51 -8.11
C ILE A 89 1.65 -12.29 -7.59
N THR A 90 0.86 -13.36 -7.58
CA THR A 90 -0.50 -13.29 -7.08
C THR A 90 -0.80 -14.51 -6.24
N ARG A 91 -1.50 -14.30 -5.13
CA ARG A 91 -1.91 -15.36 -4.22
C ARG A 91 -3.36 -15.05 -3.86
N ASP A 92 -4.21 -15.08 -4.88
CA ASP A 92 -5.63 -14.81 -4.73
C ASP A 92 -6.32 -15.70 -3.71
N ASN A 93 -7.32 -15.12 -3.05
CA ASN A 93 -8.13 -15.81 -2.04
C ASN A 93 -8.97 -14.81 -1.27
N LEU A 94 -10.20 -15.20 -0.96
CA LEU A 94 -11.07 -14.34 -0.17
C LEU A 94 -10.38 -14.18 1.16
N LEU A 95 -10.54 -13.02 1.78
CA LEU A 95 -9.89 -12.76 3.06
C LEU A 95 -9.96 -13.91 4.06
N MET A 96 -11.15 -14.46 4.26
CA MET A 96 -11.31 -15.52 5.23
C MET A 96 -10.50 -16.79 4.96
N ARG A 97 -10.16 -17.02 3.69
CA ARG A 97 -9.39 -18.19 3.30
C ARG A 97 -7.93 -17.86 2.97
N MET A 98 -7.53 -16.60 3.15
CA MET A 98 -6.17 -16.17 2.86
C MET A 98 -5.17 -16.60 3.94
N LYS A 99 -4.16 -17.35 3.52
CA LYS A 99 -3.12 -17.85 4.42
C LYS A 99 -2.16 -16.72 4.75
N ASP A 100 -1.58 -16.76 5.94
CA ASP A 100 -0.63 -15.74 6.35
C ASP A 100 0.55 -15.67 5.38
N GLU A 101 0.94 -16.81 4.85
CA GLU A 101 2.05 -16.87 3.90
C GLU A 101 1.65 -16.21 2.60
N GLU A 102 0.37 -16.30 2.24
CA GLU A 102 -0.13 -15.71 1.01
C GLU A 102 -0.15 -14.17 1.11
N TRP A 103 -0.30 -13.67 2.33
CA TRP A 103 -0.29 -12.23 2.53
C TRP A 103 1.16 -11.78 2.54
N ASN A 104 1.95 -12.41 3.39
CA ASN A 104 3.37 -12.06 3.49
C ASN A 104 4.15 -12.14 2.19
N ASP A 105 3.92 -13.20 1.39
CA ASP A 105 4.65 -13.33 0.13
C ASP A 105 4.28 -12.24 -0.86
N ILE A 106 2.99 -11.93 -0.97
CA ILE A 106 2.55 -10.88 -1.87
C ILE A 106 3.19 -9.55 -1.46
N ILE A 107 3.16 -9.23 -0.16
CA ILE A 107 3.74 -7.98 0.34
C ILE A 107 5.26 -7.93 0.12
N GLU A 108 5.95 -9.01 0.47
CA GLU A 108 7.40 -9.09 0.30
C GLU A 108 7.85 -8.96 -1.14
N THR A 109 7.14 -9.67 -2.01
CA THR A 109 7.46 -9.70 -3.44
C THR A 109 6.93 -8.54 -4.29
N ASN A 110 5.71 -8.10 -3.99
CA ASN A 110 5.08 -7.03 -4.75
C ASN A 110 5.32 -5.61 -4.21
N LEU A 111 5.38 -5.44 -2.90
CA LEU A 111 5.61 -4.13 -2.32
C LEU A 111 7.05 -3.89 -1.82
N SER A 112 7.50 -4.68 -0.86
CA SER A 112 8.84 -4.52 -0.30
C SER A 112 9.92 -4.51 -1.36
N SER A 113 9.72 -5.30 -2.40
CA SER A 113 10.69 -5.37 -3.48
C SER A 113 10.92 -3.98 -4.07
N VAL A 114 9.85 -3.20 -4.17
CA VAL A 114 9.94 -1.86 -4.73
C VAL A 114 10.88 -0.99 -3.89
N PHE A 115 10.80 -1.14 -2.59
CA PHE A 115 11.66 -0.37 -1.69
C PHE A 115 13.12 -0.79 -1.82
N ARG A 116 13.37 -2.11 -1.75
CA ARG A 116 14.73 -2.65 -1.83
C ARG A 116 15.48 -2.30 -3.12
N LEU A 117 14.82 -2.49 -4.26
CA LEU A 117 15.44 -2.18 -5.54
C LEU A 117 15.57 -0.67 -5.81
N SER A 118 14.55 0.10 -5.47
CA SER A 118 14.61 1.54 -5.69
C SER A 118 15.76 2.12 -4.86
N LYS A 119 15.85 1.67 -3.62
CA LYS A 119 16.89 2.12 -2.71
C LYS A 119 18.28 1.73 -3.25
N ALA A 120 18.36 0.55 -3.83
CA ALA A 120 19.60 0.01 -4.38
C ALA A 120 20.16 0.73 -5.61
N VAL A 121 19.32 1.44 -6.35
CA VAL A 121 19.82 2.12 -7.55
C VAL A 121 19.79 3.63 -7.40
N MET A 122 19.29 4.11 -6.28
CA MET A 122 19.18 5.54 -6.04
C MET A 122 20.47 6.35 -6.04
N ARG A 123 21.43 6.01 -5.19
CA ARG A 123 22.67 6.76 -5.11
C ARG A 123 23.33 7.11 -6.44
N ALA A 124 23.51 6.13 -7.31
CA ALA A 124 24.12 6.39 -8.61
C ALA A 124 23.29 7.38 -9.41
N MET A 125 21.96 7.21 -9.35
CA MET A 125 21.07 8.12 -10.08
C MET A 125 21.21 9.54 -9.57
N MET A 126 21.20 9.71 -8.25
CA MET A 126 21.31 11.04 -7.67
C MET A 126 22.63 11.69 -8.05
N LYS A 127 23.68 10.89 -8.15
CA LYS A 127 24.99 11.42 -8.52
C LYS A 127 24.96 11.90 -9.96
N LYS A 128 24.35 11.11 -10.83
CA LYS A 128 24.23 11.49 -12.25
C LYS A 128 23.20 12.59 -12.41
N ARG A 129 22.50 12.92 -11.33
CA ARG A 129 21.46 13.94 -11.37
C ARG A 129 20.48 13.62 -12.50
N HIS A 130 20.13 12.34 -12.61
CA HIS A 130 19.22 11.86 -13.62
C HIS A 130 18.90 10.38 -13.41
N GLY A 131 17.64 10.02 -13.67
CA GLY A 131 17.24 8.64 -13.51
C GLY A 131 15.76 8.41 -13.72
N ARG A 132 15.38 7.16 -13.87
CA ARG A 132 13.99 6.80 -14.06
C ARG A 132 13.62 5.55 -13.26
N ILE A 133 12.56 5.64 -12.49
CA ILE A 133 12.09 4.49 -11.72
C ILE A 133 10.63 4.34 -12.10
N ILE A 134 10.29 3.18 -12.64
CA ILE A 134 8.92 2.90 -13.05
C ILE A 134 8.50 1.53 -12.52
N THR A 135 7.39 1.51 -11.80
CA THR A 135 6.90 0.26 -11.25
C THR A 135 5.57 -0.09 -11.94
N ILE A 136 5.42 -1.36 -12.28
CA ILE A 136 4.21 -1.83 -12.91
C ILE A 136 3.19 -2.13 -11.83
N GLY A 137 2.20 -1.27 -11.71
CA GLY A 137 1.16 -1.47 -10.71
C GLY A 137 0.03 -2.31 -11.27
N SER A 138 -1.20 -1.87 -11.06
CA SER A 138 -2.36 -2.60 -11.54
C SER A 138 -3.61 -1.81 -11.24
N VAL A 139 -4.61 -1.92 -12.11
CA VAL A 139 -5.84 -1.20 -11.91
C VAL A 139 -6.44 -1.65 -10.58
N VAL A 140 -6.10 -2.86 -10.15
CA VAL A 140 -6.61 -3.40 -8.89
C VAL A 140 -6.16 -2.58 -7.67
N GLY A 141 -4.98 -1.99 -7.78
CA GLY A 141 -4.45 -1.17 -6.70
C GLY A 141 -5.31 0.06 -6.47
N THR A 142 -6.04 0.45 -7.51
CA THR A 142 -6.89 1.62 -7.44
C THR A 142 -8.36 1.34 -7.15
N MET A 143 -8.91 0.27 -7.72
CA MET A 143 -10.32 -0.02 -7.47
C MET A 143 -10.50 -1.16 -6.48
N GLY A 144 -9.42 -1.90 -6.22
CA GLY A 144 -9.51 -3.03 -5.32
C GLY A 144 -10.25 -4.15 -6.05
N ASN A 145 -10.22 -5.35 -5.48
CA ASN A 145 -10.89 -6.47 -6.12
C ASN A 145 -11.14 -7.60 -5.15
N GLY A 146 -12.36 -8.13 -5.18
CA GLY A 146 -12.70 -9.24 -4.31
C GLY A 146 -11.72 -10.38 -4.51
N GLY A 147 -11.28 -10.99 -3.42
CA GLY A 147 -10.35 -12.10 -3.51
C GLY A 147 -8.92 -11.71 -3.80
N GLN A 148 -8.63 -10.40 -3.81
CA GLN A 148 -7.26 -9.95 -4.07
C GLN A 148 -6.84 -8.84 -3.11
N ALA A 149 -7.29 -8.92 -1.86
CA ALA A 149 -6.96 -7.91 -0.88
C ALA A 149 -5.45 -7.74 -0.73
N ASN A 150 -4.72 -8.84 -0.78
CA ASN A 150 -3.27 -8.78 -0.64
C ASN A 150 -2.60 -8.11 -1.85
N PHE A 151 -3.03 -8.50 -3.04
CA PHE A 151 -2.51 -7.95 -4.28
C PHE A 151 -2.78 -6.44 -4.34
N ALA A 152 -4.01 -6.09 -4.00
CA ALA A 152 -4.48 -4.71 -4.01
C ALA A 152 -3.68 -3.82 -3.04
N ALA A 153 -3.40 -4.36 -1.86
CA ALA A 153 -2.66 -3.63 -0.84
C ALA A 153 -1.28 -3.28 -1.36
N ALA A 154 -0.62 -4.26 -1.96
CA ALA A 154 0.72 -4.04 -2.48
C ALA A 154 0.75 -3.05 -3.66
N LYS A 155 -0.22 -3.17 -4.57
CA LYS A 155 -0.28 -2.29 -5.73
C LYS A 155 -0.65 -0.86 -5.36
N ALA A 156 -1.51 -0.72 -4.37
CA ALA A 156 -1.90 0.59 -3.89
C ALA A 156 -0.68 1.14 -3.13
N GLY A 157 -0.08 0.29 -2.30
CA GLY A 157 1.08 0.68 -1.51
C GLY A 157 2.26 1.18 -2.33
N LEU A 158 2.54 0.56 -3.47
CA LEU A 158 3.69 1.01 -4.25
C LEU A 158 3.49 2.41 -4.82
N ILE A 159 2.23 2.83 -4.98
CA ILE A 159 1.93 4.18 -5.47
C ILE A 159 2.28 5.16 -4.35
N GLY A 160 1.85 4.84 -3.12
CA GLY A 160 2.16 5.69 -1.98
C GLY A 160 3.65 5.82 -1.85
N PHE A 161 4.35 4.70 -2.01
CA PHE A 161 5.81 4.70 -1.94
C PHE A 161 6.41 5.63 -2.99
N SER A 162 6.02 5.41 -4.24
CA SER A 162 6.53 6.20 -5.36
C SER A 162 6.28 7.68 -5.22
N LYS A 163 5.12 8.04 -4.69
CA LYS A 163 4.80 9.44 -4.51
C LYS A 163 5.80 10.08 -3.56
N SER A 164 6.08 9.40 -2.46
CA SER A 164 7.01 9.91 -1.47
C SER A 164 8.44 9.98 -1.99
N LEU A 165 8.88 8.92 -2.66
CA LEU A 165 10.23 8.90 -3.19
C LEU A 165 10.36 10.01 -4.23
N ALA A 166 9.33 10.15 -5.06
CA ALA A 166 9.31 11.17 -6.10
C ALA A 166 9.60 12.55 -5.50
N ARG A 167 9.00 12.84 -4.34
CA ARG A 167 9.20 14.12 -3.69
C ARG A 167 10.62 14.28 -3.17
N GLU A 168 11.28 13.18 -2.85
CA GLU A 168 12.64 13.23 -2.31
C GLU A 168 13.70 13.48 -3.37
N VAL A 169 13.49 12.93 -4.56
CA VAL A 169 14.48 13.08 -5.60
C VAL A 169 14.08 13.90 -6.83
N ALA A 170 12.90 14.52 -6.78
CA ALA A 170 12.42 15.32 -7.91
C ALA A 170 13.43 16.37 -8.38
N SER A 171 13.93 17.16 -7.45
CA SER A 171 14.88 18.19 -7.81
C SER A 171 16.19 17.64 -8.38
N ARG A 172 16.50 16.37 -8.13
CA ARG A 172 17.74 15.77 -8.63
C ARG A 172 17.63 15.18 -10.03
N GLY A 173 16.57 15.54 -10.75
CA GLY A 173 16.38 15.04 -12.11
C GLY A 173 16.00 13.57 -12.23
N ILE A 174 15.31 13.06 -11.21
CA ILE A 174 14.89 11.66 -11.19
C ILE A 174 13.37 11.59 -11.03
N THR A 175 12.70 10.85 -11.92
CA THR A 175 11.25 10.70 -11.81
C THR A 175 10.91 9.32 -11.31
N VAL A 176 9.81 9.22 -10.58
CA VAL A 176 9.36 7.95 -10.04
C VAL A 176 7.88 7.89 -10.35
N ASN A 177 7.51 6.97 -11.23
CA ASN A 177 6.14 6.84 -11.69
C ASN A 177 5.61 5.41 -11.66
N VAL A 178 4.33 5.27 -11.94
CA VAL A 178 3.72 3.96 -11.97
C VAL A 178 2.83 3.83 -13.19
N VAL A 179 2.88 2.67 -13.83
CA VAL A 179 2.02 2.40 -14.99
C VAL A 179 1.10 1.33 -14.46
N ALA A 180 -0.21 1.59 -14.51
CA ALA A 180 -1.20 0.64 -14.00
C ALA A 180 -2.01 -0.03 -15.12
N PRO A 181 -1.63 -1.26 -15.48
CA PRO A 181 -2.33 -1.99 -16.53
C PRO A 181 -3.70 -2.51 -16.09
N GLY A 182 -4.60 -2.68 -17.05
CA GLY A 182 -5.90 -3.22 -16.74
C GLY A 182 -5.77 -4.70 -17.03
N PHE A 183 -6.74 -5.28 -17.71
CA PHE A 183 -6.66 -6.70 -18.06
C PHE A 183 -5.76 -6.83 -19.29
N ILE A 184 -4.62 -7.50 -19.14
CA ILE A 184 -3.68 -7.69 -20.23
C ILE A 184 -3.61 -9.16 -20.64
N GLU A 185 -3.65 -9.39 -21.95
CA GLU A 185 -3.58 -10.74 -22.50
C GLU A 185 -2.28 -11.44 -22.10
N THR A 186 -2.39 -12.46 -21.27
CA THR A 186 -1.23 -13.24 -20.83
C THR A 186 -1.52 -14.72 -21.04
N ASP A 187 -0.63 -15.58 -20.55
CA ASP A 187 -0.84 -17.01 -20.70
C ASP A 187 -2.00 -17.47 -19.82
N MET A 188 -2.27 -16.73 -18.76
CA MET A 188 -3.37 -17.08 -17.88
C MET A 188 -4.70 -16.86 -18.59
N THR A 189 -4.87 -15.70 -19.21
CA THR A 189 -6.12 -15.40 -19.92
C THR A 189 -6.27 -16.16 -21.25
N ARG A 190 -5.17 -16.31 -21.99
CA ARG A 190 -5.19 -17.01 -23.28
C ARG A 190 -5.78 -18.42 -23.14
N ALA A 191 -5.57 -19.02 -21.97
CA ALA A 191 -6.05 -20.37 -21.69
C ALA A 191 -7.39 -20.41 -20.97
N LEU A 192 -8.13 -19.29 -20.96
CA LEU A 192 -9.43 -19.27 -20.32
C LEU A 192 -10.51 -19.69 -21.32
N SER A 193 -11.68 -20.07 -20.83
CA SER A 193 -12.76 -20.47 -21.73
C SER A 193 -13.35 -19.19 -22.32
N ASP A 194 -14.03 -19.31 -23.46
CA ASP A 194 -14.61 -18.13 -24.09
C ASP A 194 -15.64 -17.42 -23.20
N ASP A 195 -16.29 -18.14 -22.30
CA ASP A 195 -17.25 -17.50 -21.41
C ASP A 195 -16.53 -16.72 -20.32
N GLN A 196 -15.40 -17.27 -19.86
CA GLN A 196 -14.63 -16.58 -18.84
C GLN A 196 -14.09 -15.28 -19.45
N ARG A 197 -13.60 -15.37 -20.69
CA ARG A 197 -13.05 -14.21 -21.38
C ARG A 197 -14.13 -13.16 -21.65
N ALA A 198 -15.37 -13.60 -21.86
CA ALA A 198 -16.45 -12.67 -22.11
C ALA A 198 -16.83 -11.89 -20.84
N GLY A 199 -16.55 -12.50 -19.69
CA GLY A 199 -16.87 -11.85 -18.42
C GLY A 199 -15.87 -10.76 -18.07
N ILE A 200 -14.69 -10.82 -18.68
CA ILE A 200 -13.67 -9.83 -18.45
C ILE A 200 -13.88 -8.73 -19.48
N LEU A 201 -14.04 -9.13 -20.73
CA LEU A 201 -14.27 -8.20 -21.82
C LEU A 201 -15.47 -7.33 -21.52
N ALA A 202 -16.40 -7.89 -20.76
CA ALA A 202 -17.62 -7.18 -20.41
C ALA A 202 -17.29 -5.94 -19.58
N GLN A 203 -16.16 -5.99 -18.88
CA GLN A 203 -15.74 -4.87 -18.04
C GLN A 203 -14.94 -3.81 -18.79
N VAL A 204 -14.30 -4.21 -19.88
CA VAL A 204 -13.48 -3.29 -20.66
C VAL A 204 -14.26 -2.61 -21.78
N PRO A 205 -14.44 -1.28 -21.68
CA PRO A 205 -15.16 -0.47 -22.67
C PRO A 205 -14.52 -0.60 -24.06
N ALA A 206 -13.20 -0.76 -24.09
CA ALA A 206 -12.49 -0.91 -25.34
C ALA A 206 -12.94 -2.21 -26.04
N GLY A 207 -13.35 -3.20 -25.25
CA GLY A 207 -13.82 -4.45 -25.81
C GLY A 207 -12.77 -5.49 -26.17
N ARG A 208 -11.63 -5.46 -25.48
CA ARG A 208 -10.57 -6.40 -25.75
C ARG A 208 -9.57 -6.35 -24.60
N LEU A 209 -8.72 -7.36 -24.50
CA LEU A 209 -7.72 -7.34 -23.45
C LEU A 209 -6.64 -6.42 -23.98
N GLY A 210 -5.81 -5.92 -23.09
CA GLY A 210 -4.73 -5.05 -23.51
C GLY A 210 -3.57 -5.88 -23.99
N GLY A 211 -2.67 -5.24 -24.74
CA GLY A 211 -1.51 -5.94 -25.23
C GLY A 211 -0.29 -5.66 -24.38
N ALA A 212 0.50 -6.69 -24.12
CA ALA A 212 1.72 -6.56 -23.33
C ALA A 212 2.58 -5.42 -23.88
N GLN A 213 2.62 -5.30 -25.21
CA GLN A 213 3.40 -4.27 -25.87
C GLN A 213 2.88 -2.87 -25.57
N GLU A 214 1.56 -2.78 -25.36
CA GLU A 214 0.94 -1.50 -25.07
C GLU A 214 1.40 -0.98 -23.73
N ILE A 215 1.65 -1.89 -22.79
CA ILE A 215 2.12 -1.50 -21.48
C ILE A 215 3.58 -1.10 -21.64
N ALA A 216 4.28 -1.82 -22.51
CA ALA A 216 5.69 -1.52 -22.77
C ALA A 216 5.84 -0.11 -23.35
N ASN A 217 4.92 0.27 -24.23
CA ASN A 217 4.98 1.61 -24.84
C ASN A 217 4.86 2.73 -23.81
N ALA A 218 4.00 2.53 -22.80
CA ALA A 218 3.78 3.54 -21.77
C ALA A 218 5.04 3.69 -20.93
N VAL A 219 5.65 2.56 -20.60
CA VAL A 219 6.87 2.56 -19.81
C VAL A 219 8.00 3.29 -20.55
N ALA A 220 8.14 2.98 -21.84
CA ALA A 220 9.18 3.58 -22.66
C ALA A 220 9.00 5.09 -22.69
N PHE A 221 7.77 5.54 -22.86
CA PHE A 221 7.49 6.96 -22.87
C PHE A 221 7.98 7.59 -21.57
N LEU A 222 7.55 7.02 -20.44
CA LEU A 222 7.92 7.52 -19.11
C LEU A 222 9.42 7.42 -18.84
N ALA A 223 10.06 6.42 -19.44
CA ALA A 223 11.49 6.23 -19.23
C ALA A 223 12.32 7.18 -20.09
N SER A 224 11.70 7.75 -21.11
CA SER A 224 12.39 8.66 -22.01
C SER A 224 12.55 10.07 -21.45
N ASP A 225 13.28 10.90 -22.17
CA ASP A 225 13.51 12.28 -21.76
C ASP A 225 12.31 13.13 -22.10
N GLU A 226 11.34 12.56 -22.81
CA GLU A 226 10.14 13.28 -23.17
C GLU A 226 9.17 13.38 -22.01
N ALA A 227 9.48 12.69 -20.91
CA ALA A 227 8.61 12.66 -19.73
C ALA A 227 9.31 13.15 -18.45
N ALA A 228 10.29 14.04 -18.60
CA ALA A 228 11.05 14.56 -17.47
C ALA A 228 10.22 15.34 -16.45
N TYR A 229 9.09 15.88 -16.88
CA TYR A 229 8.24 16.65 -15.97
C TYR A 229 7.10 15.82 -15.40
N ILE A 230 7.18 14.51 -15.58
CA ILE A 230 6.14 13.64 -15.05
C ILE A 230 6.76 12.81 -13.91
N THR A 231 6.30 13.03 -12.69
CA THR A 231 6.82 12.26 -11.58
C THR A 231 5.74 12.16 -10.52
N GLY A 232 5.79 11.07 -9.76
CA GLY A 232 4.79 10.86 -8.73
C GLY A 232 3.42 10.62 -9.36
N GLU A 233 3.43 10.36 -10.66
CA GLU A 233 2.20 10.13 -11.41
C GLU A 233 1.92 8.65 -11.70
N THR A 234 0.65 8.33 -11.87
CA THR A 234 0.23 6.98 -12.17
C THR A 234 -0.46 7.04 -13.52
N LEU A 235 0.05 6.27 -14.47
CA LEU A 235 -0.48 6.21 -15.83
C LEU A 235 -1.31 4.94 -15.99
N HIS A 236 -2.63 5.12 -16.11
CA HIS A 236 -3.55 4.00 -16.27
C HIS A 236 -3.68 3.60 -17.73
N VAL A 237 -3.43 2.32 -17.99
CA VAL A 237 -3.51 1.76 -19.33
C VAL A 237 -4.44 0.57 -19.21
N ASN A 238 -5.75 0.84 -19.22
CA ASN A 238 -6.74 -0.21 -19.04
C ASN A 238 -7.93 -0.27 -19.99
N GLY A 239 -7.87 0.44 -21.12
CA GLY A 239 -8.98 0.41 -22.05
C GLY A 239 -10.28 1.01 -21.55
N GLY A 240 -10.22 1.79 -20.47
CA GLY A 240 -11.42 2.41 -19.93
C GLY A 240 -12.11 1.61 -18.85
N MET A 241 -11.46 0.53 -18.42
CA MET A 241 -12.00 -0.33 -17.37
C MET A 241 -12.22 0.49 -16.11
N TYR A 242 -11.36 1.48 -15.91
CA TYR A 242 -11.45 2.36 -14.76
C TYR A 242 -10.92 3.72 -15.18
N MET A 243 -11.52 4.78 -14.67
CA MET A 243 -11.10 6.12 -15.03
C MET A 243 -11.00 6.95 -13.77
N VAL A 244 -9.83 7.53 -13.56
CA VAL A 244 -9.59 8.35 -12.39
C VAL A 244 -9.39 9.78 -12.83
N ASN B 2 -26.25 6.28 17.84
CA ASN B 2 -26.36 5.53 19.12
C ASN B 2 -25.85 4.12 18.94
N PHE B 3 -24.82 3.74 19.71
CA PHE B 3 -24.24 2.39 19.59
C PHE B 3 -24.58 1.48 20.76
N GLU B 4 -25.81 1.56 21.24
CA GLU B 4 -26.25 0.76 22.35
C GLU B 4 -26.21 -0.73 22.00
N GLY B 5 -25.47 -1.51 22.79
CA GLY B 5 -25.38 -2.93 22.55
C GLY B 5 -24.29 -3.34 21.58
N LYS B 6 -23.58 -2.36 21.03
CA LYS B 6 -22.51 -2.61 20.07
C LYS B 6 -21.19 -2.72 20.81
N ILE B 7 -20.33 -3.61 20.32
CA ILE B 7 -19.01 -3.79 20.91
C ILE B 7 -17.97 -3.29 19.91
N ALA B 8 -17.11 -2.39 20.38
CA ALA B 8 -16.08 -1.83 19.53
C ALA B 8 -14.70 -2.07 20.10
N LEU B 9 -13.77 -2.43 19.22
CA LEU B 9 -12.38 -2.66 19.60
C LEU B 9 -11.55 -1.58 18.93
N VAL B 10 -10.93 -0.73 19.71
CA VAL B 10 -10.11 0.35 19.17
C VAL B 10 -8.65 0.11 19.51
N THR B 11 -7.85 -0.31 18.53
CA THR B 11 -6.44 -0.57 18.73
C THR B 11 -5.62 0.71 18.88
N GLY B 12 -4.69 0.72 19.82
CA GLY B 12 -3.86 1.89 20.06
C GLY B 12 -4.64 3.07 20.61
N ALA B 13 -5.47 2.81 21.63
CA ALA B 13 -6.31 3.84 22.21
C ALA B 13 -5.73 4.56 23.43
N SER B 14 -4.41 4.59 23.56
CA SER B 14 -3.80 5.26 24.70
C SER B 14 -3.96 6.77 24.66
N ARG B 15 -3.69 7.38 23.51
CA ARG B 15 -3.78 8.83 23.44
C ARG B 15 -4.42 9.38 22.18
N GLY B 16 -4.41 10.71 22.10
CA GLY B 16 -4.93 11.43 20.94
C GLY B 16 -6.10 10.81 20.20
N ILE B 17 -5.93 10.63 18.91
CA ILE B 17 -6.96 10.07 18.07
C ILE B 17 -7.50 8.77 18.64
N GLY B 18 -6.61 7.83 18.96
CA GLY B 18 -7.05 6.56 19.51
C GLY B 18 -7.98 6.73 20.71
N ARG B 19 -7.56 7.53 21.68
CA ARG B 19 -8.37 7.76 22.86
C ARG B 19 -9.69 8.49 22.58
N ALA B 20 -9.64 9.56 21.79
CA ALA B 20 -10.84 10.29 21.48
C ALA B 20 -11.86 9.36 20.82
N ILE B 21 -11.38 8.43 20.00
CA ILE B 21 -12.26 7.48 19.33
C ILE B 21 -12.91 6.58 20.39
N ALA B 22 -12.08 6.06 21.28
CA ALA B 22 -12.56 5.18 22.34
C ALA B 22 -13.59 5.87 23.24
N GLU B 23 -13.32 7.12 23.62
CA GLU B 23 -14.22 7.87 24.49
C GLU B 23 -15.50 8.26 23.77
N THR B 24 -15.40 8.63 22.50
CA THR B 24 -16.59 9.03 21.76
C THR B 24 -17.54 7.85 21.52
N LEU B 25 -16.99 6.70 21.17
CA LEU B 25 -17.83 5.53 20.96
C LEU B 25 -18.49 5.15 22.28
N ALA B 26 -17.72 5.22 23.37
CA ALA B 26 -18.22 4.90 24.71
C ALA B 26 -19.33 5.88 25.11
N ALA B 27 -19.09 7.17 24.90
CA ALA B 27 -20.08 8.18 25.25
C ALA B 27 -21.38 7.98 24.49
N ARG B 28 -21.30 7.38 23.30
CA ARG B 28 -22.50 7.15 22.51
C ARG B 28 -23.12 5.76 22.68
N GLY B 29 -22.79 5.10 23.80
CA GLY B 29 -23.38 3.82 24.10
C GLY B 29 -22.70 2.50 23.83
N ALA B 30 -21.53 2.50 23.21
CA ALA B 30 -20.86 1.24 22.92
C ALA B 30 -19.96 0.77 24.05
N LYS B 31 -19.80 -0.54 24.16
CA LYS B 31 -18.89 -1.12 25.15
C LYS B 31 -17.59 -1.10 24.39
N VAL B 32 -16.63 -0.32 24.87
CA VAL B 32 -15.36 -0.17 24.18
C VAL B 32 -14.15 -0.89 24.78
N ILE B 33 -13.35 -1.53 23.91
CA ILE B 33 -12.14 -2.19 24.38
C ILE B 33 -10.98 -1.48 23.68
N GLY B 34 -10.25 -0.67 24.43
CA GLY B 34 -9.11 0.04 23.87
C GLY B 34 -7.86 -0.77 24.14
N THR B 35 -6.83 -0.64 23.31
CA THR B 35 -5.61 -1.42 23.52
C THR B 35 -4.33 -0.59 23.59
N ALA B 36 -3.30 -1.18 24.19
CA ALA B 36 -2.00 -0.57 24.35
C ALA B 36 -0.97 -1.69 24.30
N THR B 37 0.31 -1.33 24.24
CA THR B 37 1.39 -2.33 24.16
C THR B 37 1.93 -2.79 25.52
N SER B 38 1.45 -2.21 26.60
CA SER B 38 1.91 -2.62 27.92
C SER B 38 0.75 -2.76 28.88
N GLU B 39 0.98 -3.45 29.99
CA GLU B 39 -0.07 -3.63 30.98
C GLU B 39 -0.44 -2.28 31.57
N ASN B 40 0.56 -1.41 31.70
CA ASN B 40 0.36 -0.07 32.24
C ASN B 40 -0.63 0.70 31.39
N GLY B 41 -0.32 0.83 30.10
CA GLY B 41 -1.19 1.54 29.19
C GLY B 41 -2.58 0.93 29.10
N ALA B 42 -2.65 -0.39 29.17
CA ALA B 42 -3.94 -1.08 29.08
C ALA B 42 -4.78 -0.72 30.29
N GLN B 43 -4.10 -0.48 31.42
CA GLN B 43 -4.79 -0.14 32.65
C GLN B 43 -5.33 1.28 32.58
N ALA B 44 -4.46 2.19 32.14
CA ALA B 44 -4.83 3.60 32.02
C ALA B 44 -6.10 3.71 31.19
N ILE B 45 -6.16 2.96 30.11
CA ILE B 45 -7.33 2.96 29.23
C ILE B 45 -8.55 2.50 30.01
N SER B 46 -8.39 1.42 30.78
CA SER B 46 -9.48 0.88 31.60
C SER B 46 -9.97 1.94 32.58
N ASP B 47 -9.03 2.71 33.12
CA ASP B 47 -9.36 3.75 34.06
C ASP B 47 -10.22 4.86 33.45
N TYR B 48 -9.87 5.34 32.26
CA TYR B 48 -10.67 6.40 31.66
C TYR B 48 -11.97 5.91 31.02
N LEU B 49 -12.01 4.64 30.63
CA LEU B 49 -13.24 4.09 30.04
C LEU B 49 -14.20 3.71 31.15
N GLY B 50 -13.65 3.38 32.33
CA GLY B 50 -14.46 3.00 33.46
C GLY B 50 -15.33 1.78 33.25
N ALA B 51 -16.63 1.96 33.45
CA ALA B 51 -17.60 0.88 33.29
C ALA B 51 -18.07 0.74 31.84
N ASN B 52 -17.61 1.64 30.98
CA ASN B 52 -18.00 1.60 29.57
C ASN B 52 -17.17 0.60 28.77
N GLY B 53 -15.99 0.28 29.27
CA GLY B 53 -15.15 -0.67 28.58
C GLY B 53 -14.01 -1.24 29.39
N LYS B 54 -12.94 -1.62 28.70
CA LYS B 54 -11.78 -2.19 29.34
C LYS B 54 -10.54 -1.98 28.47
N GLY B 55 -9.38 -2.00 29.10
CA GLY B 55 -8.13 -1.85 28.37
C GLY B 55 -7.45 -3.20 28.34
N LEU B 56 -6.89 -3.56 27.19
CA LEU B 56 -6.20 -4.82 27.05
C LEU B 56 -4.88 -4.59 26.35
N MET B 57 -3.87 -5.39 26.70
CA MET B 57 -2.58 -5.27 26.08
C MET B 57 -2.64 -6.06 24.77
N LEU B 58 -2.18 -5.42 23.70
CA LEU B 58 -2.20 -6.04 22.38
C LEU B 58 -1.02 -5.59 21.53
N ASN B 59 -0.50 -6.52 20.74
CA ASN B 59 0.59 -6.24 19.82
C ASN B 59 0.02 -6.66 18.47
N VAL B 60 -0.30 -5.68 17.63
CA VAL B 60 -0.90 -5.98 16.35
C VAL B 60 -0.03 -6.75 15.36
N THR B 61 1.23 -6.98 15.71
CA THR B 61 2.12 -7.73 14.82
C THR B 61 2.30 -9.16 15.33
N ASP B 62 1.78 -9.44 16.52
CA ASP B 62 1.91 -10.77 17.12
C ASP B 62 0.61 -11.57 17.01
N PRO B 63 0.54 -12.51 16.05
CA PRO B 63 -0.64 -13.34 15.84
C PRO B 63 -1.19 -13.95 17.12
N ALA B 64 -0.29 -14.25 18.05
CA ALA B 64 -0.66 -14.83 19.34
C ALA B 64 -1.42 -13.81 20.17
N SER B 65 -0.85 -12.60 20.25
CA SER B 65 -1.45 -11.51 21.01
C SER B 65 -2.83 -11.18 20.46
N ILE B 66 -2.95 -11.22 19.13
CA ILE B 66 -4.21 -10.93 18.47
C ILE B 66 -5.33 -11.89 18.84
N GLU B 67 -5.10 -13.20 18.75
CA GLU B 67 -6.17 -14.11 19.11
C GLU B 67 -6.41 -14.10 20.62
N SER B 68 -5.33 -14.02 21.39
CA SER B 68 -5.45 -13.94 22.84
C SER B 68 -6.37 -12.78 23.27
N VAL B 69 -6.12 -11.59 22.73
CA VAL B 69 -6.93 -10.43 23.09
C VAL B 69 -8.38 -10.62 22.69
N LEU B 70 -8.60 -11.14 21.49
CA LEU B 70 -9.96 -11.35 21.01
C LEU B 70 -10.70 -12.37 21.87
N GLU B 71 -10.01 -13.42 22.28
CA GLU B 71 -10.61 -14.46 23.11
C GLU B 71 -11.21 -13.83 24.36
N LYS B 72 -10.39 -13.09 25.08
CA LYS B 72 -10.85 -12.43 26.29
C LYS B 72 -12.09 -11.63 25.97
N ILE B 73 -12.00 -10.81 24.93
CA ILE B 73 -13.13 -9.98 24.57
C ILE B 73 -14.41 -10.78 24.37
N ARG B 74 -14.32 -11.92 23.70
CA ARG B 74 -15.49 -12.77 23.48
C ARG B 74 -15.99 -13.33 24.80
N ALA B 75 -15.08 -13.52 25.74
CA ALA B 75 -15.42 -14.07 27.04
C ALA B 75 -16.07 -13.05 27.98
N GLU B 76 -15.51 -11.85 28.06
CA GLU B 76 -16.04 -10.82 28.95
C GLU B 76 -17.10 -9.90 28.34
N PHE B 77 -17.09 -9.73 27.02
CA PHE B 77 -18.06 -8.85 26.38
C PHE B 77 -18.86 -9.50 25.27
N GLY B 78 -18.17 -10.13 24.32
CA GLY B 78 -18.85 -10.78 23.20
C GLY B 78 -18.16 -10.53 21.88
N GLU B 79 -18.85 -10.76 20.78
CA GLU B 79 -18.28 -10.57 19.45
C GLU B 79 -18.08 -9.08 19.11
N VAL B 80 -17.01 -8.79 18.39
CA VAL B 80 -16.71 -7.42 17.99
C VAL B 80 -17.58 -6.97 16.81
N ASP B 81 -18.28 -5.86 16.99
CA ASP B 81 -19.16 -5.30 15.97
C ASP B 81 -18.46 -4.17 15.20
N ILE B 82 -17.63 -3.43 15.90
CA ILE B 82 -16.91 -2.32 15.28
C ILE B 82 -15.41 -2.41 15.54
N LEU B 83 -14.64 -2.48 14.46
CA LEU B 83 -13.19 -2.54 14.56
C LEU B 83 -12.60 -1.22 14.07
N VAL B 84 -11.79 -0.59 14.92
CA VAL B 84 -11.13 0.64 14.54
C VAL B 84 -9.63 0.42 14.63
N ASN B 85 -8.99 0.27 13.47
CA ASN B 85 -7.55 0.08 13.40
C ASN B 85 -6.89 1.44 13.48
N ASN B 86 -6.33 1.77 14.65
CA ASN B 86 -5.67 3.05 14.83
C ASN B 86 -4.22 2.86 15.32
N ALA B 87 -3.85 1.61 15.58
CA ALA B 87 -2.48 1.35 16.03
C ALA B 87 -1.58 1.60 14.83
N GLY B 88 -0.45 2.24 15.08
CA GLY B 88 0.47 2.53 13.99
C GLY B 88 1.66 3.29 14.50
N ILE B 89 2.74 3.31 13.75
CA ILE B 89 3.94 4.02 14.17
C ILE B 89 4.60 4.72 12.99
N THR B 90 5.70 5.39 13.26
CA THR B 90 6.43 6.07 12.21
C THR B 90 7.92 5.86 12.38
N ARG B 91 8.61 5.66 11.26
CA ARG B 91 10.05 5.45 11.25
C ARG B 91 10.55 6.28 10.07
N ASP B 92 10.38 7.59 10.19
CA ASP B 92 10.79 8.55 9.16
C ASP B 92 12.26 8.48 8.83
N ASN B 93 12.55 8.74 7.56
CA ASN B 93 13.91 8.74 7.03
C ASN B 93 13.88 8.79 5.50
N LEU B 94 14.82 9.54 4.92
CA LEU B 94 14.90 9.61 3.48
C LEU B 94 15.22 8.20 3.03
N LEU B 95 14.75 7.82 1.84
CA LEU B 95 14.98 6.47 1.35
C LEU B 95 16.43 6.01 1.54
N MET B 96 17.35 6.90 1.24
CA MET B 96 18.78 6.62 1.34
C MET B 96 19.27 6.21 2.73
N ARG B 97 18.62 6.73 3.76
CA ARG B 97 19.00 6.41 5.13
C ARG B 97 18.02 5.48 5.82
N MET B 98 17.02 4.98 5.09
CA MET B 98 16.03 4.10 5.69
C MET B 98 16.55 2.69 5.91
N LYS B 99 16.53 2.26 7.17
CA LYS B 99 17.00 0.94 7.58
C LYS B 99 15.95 -0.10 7.21
N ASP B 100 16.40 -1.31 6.89
CA ASP B 100 15.49 -2.39 6.52
C ASP B 100 14.47 -2.65 7.62
N GLU B 101 14.90 -2.47 8.86
CA GLU B 101 14.01 -2.69 10.00
C GLU B 101 12.96 -1.58 10.07
N GLU B 102 13.34 -0.38 9.63
CA GLU B 102 12.41 0.76 9.64
C GLU B 102 11.32 0.58 8.58
N TRP B 103 11.66 -0.13 7.51
CA TRP B 103 10.68 -0.41 6.46
C TRP B 103 9.79 -1.55 6.96
N ASN B 104 10.39 -2.66 7.32
CA ASN B 104 9.65 -3.82 7.81
C ASN B 104 8.73 -3.56 8.99
N ASP B 105 9.17 -2.77 9.98
CA ASP B 105 8.33 -2.50 11.14
C ASP B 105 7.11 -1.67 10.77
N ILE B 106 7.31 -0.66 9.93
CA ILE B 106 6.22 0.18 9.48
C ILE B 106 5.20 -0.67 8.74
N ILE B 107 5.66 -1.51 7.82
CA ILE B 107 4.76 -2.37 7.05
C ILE B 107 4.03 -3.37 7.94
N GLU B 108 4.77 -4.03 8.83
CA GLU B 108 4.19 -5.00 9.73
C GLU B 108 3.14 -4.35 10.64
N THR B 109 3.52 -3.24 11.27
CA THR B 109 2.65 -2.55 12.21
C THR B 109 1.52 -1.69 11.65
N ASN B 110 1.79 -1.01 10.53
CA ASN B 110 0.82 -0.13 9.90
C ASN B 110 -0.06 -0.78 8.82
N LEU B 111 0.49 -1.73 8.05
CA LEU B 111 -0.29 -2.37 7.00
C LEU B 111 -0.76 -3.78 7.35
N SER B 112 0.19 -4.69 7.59
CA SER B 112 -0.14 -6.08 7.90
C SER B 112 -1.14 -6.22 9.05
N SER B 113 -1.02 -5.32 10.02
CA SER B 113 -1.90 -5.33 11.18
C SER B 113 -3.34 -5.24 10.71
N VAL B 114 -3.59 -4.42 9.70
CA VAL B 114 -4.93 -4.23 9.17
C VAL B 114 -5.51 -5.54 8.65
N PHE B 115 -4.68 -6.34 8.00
CA PHE B 115 -5.10 -7.65 7.48
C PHE B 115 -5.39 -8.63 8.62
N ARG B 116 -4.48 -8.76 9.57
CA ARG B 116 -4.66 -9.69 10.68
C ARG B 116 -5.92 -9.43 11.51
N LEU B 117 -6.08 -8.19 11.97
CA LEU B 117 -7.24 -7.83 12.78
C LEU B 117 -8.56 -7.87 12.01
N SER B 118 -8.56 -7.38 10.78
CA SER B 118 -9.80 -7.39 10.00
C SER B 118 -10.22 -8.85 9.80
N LYS B 119 -9.25 -9.69 9.48
CA LYS B 119 -9.50 -11.10 9.26
C LYS B 119 -10.03 -11.76 10.54
N ALA B 120 -9.45 -11.34 11.67
CA ALA B 120 -9.82 -11.88 12.98
C ALA B 120 -11.23 -11.55 13.49
N VAL B 121 -11.86 -10.51 12.97
CA VAL B 121 -13.19 -10.15 13.44
C VAL B 121 -14.25 -10.35 12.38
N MET B 122 -13.80 -10.76 11.20
CA MET B 122 -14.71 -10.97 10.07
C MET B 122 -15.82 -12.03 10.25
N ARG B 123 -15.44 -13.26 10.57
CA ARG B 123 -16.41 -14.35 10.75
C ARG B 123 -17.67 -13.95 11.51
N ALA B 124 -17.49 -13.44 12.72
CA ALA B 124 -18.62 -13.04 13.56
C ALA B 124 -19.48 -11.97 12.90
N MET B 125 -18.84 -11.00 12.26
CA MET B 125 -19.56 -9.93 11.59
C MET B 125 -20.42 -10.49 10.46
N MET B 126 -19.85 -11.36 9.64
CA MET B 126 -20.58 -11.95 8.54
C MET B 126 -21.79 -12.74 9.00
N LYS B 127 -21.60 -13.53 10.07
CA LYS B 127 -22.69 -14.33 10.61
C LYS B 127 -23.84 -13.40 10.99
N LYS B 128 -23.52 -12.35 11.75
CA LYS B 128 -24.52 -11.37 12.19
C LYS B 128 -25.00 -10.53 11.02
N ARG B 129 -24.32 -10.67 9.89
CA ARG B 129 -24.67 -9.90 8.69
C ARG B 129 -24.76 -8.41 9.03
N HIS B 130 -23.71 -7.93 9.69
CA HIS B 130 -23.57 -6.53 10.07
C HIS B 130 -22.23 -6.30 10.76
N GLY B 131 -21.60 -5.16 10.44
CA GLY B 131 -20.32 -4.85 11.04
C GLY B 131 -19.70 -3.59 10.48
N ARG B 132 -18.66 -3.10 11.17
CA ARG B 132 -17.98 -1.90 10.75
C ARG B 132 -16.48 -2.04 10.96
N ILE B 133 -15.72 -1.76 9.90
CA ILE B 133 -14.27 -1.80 9.98
C ILE B 133 -13.80 -0.45 9.48
N ILE B 134 -13.09 0.26 10.35
CA ILE B 134 -12.58 1.58 10.02
C ILE B 134 -11.10 1.66 10.38
N THR B 135 -10.28 2.04 9.41
CA THR B 135 -8.85 2.15 9.65
C THR B 135 -8.45 3.62 9.55
N ILE B 136 -7.60 4.05 10.47
CA ILE B 136 -7.12 5.42 10.46
C ILE B 136 -5.92 5.51 9.52
N GLY B 137 -6.16 6.10 8.35
CA GLY B 137 -5.08 6.26 7.39
C GLY B 137 -4.31 7.53 7.64
N SER B 138 -4.06 8.28 6.57
CA SER B 138 -3.34 9.54 6.68
C SER B 138 -3.33 10.21 5.32
N VAL B 139 -3.33 11.53 5.32
CA VAL B 139 -3.28 12.28 4.08
C VAL B 139 -2.00 11.89 3.33
N VAL B 140 -0.98 11.44 4.08
CA VAL B 140 0.29 11.04 3.47
C VAL B 140 0.14 9.84 2.53
N GLY B 141 -0.79 8.95 2.87
CA GLY B 141 -1.03 7.79 2.02
C GLY B 141 -1.53 8.19 0.64
N THR B 142 -2.09 9.40 0.56
CA THR B 142 -2.63 9.89 -0.70
C THR B 142 -1.71 10.85 -1.47
N MET B 143 -0.99 11.71 -0.76
CA MET B 143 -0.12 12.63 -1.48
C MET B 143 1.34 12.23 -1.37
N GLY B 144 1.64 11.33 -0.44
CA GLY B 144 3.00 10.90 -0.23
C GLY B 144 3.74 12.00 0.50
N ASN B 145 4.95 11.72 0.96
CA ASN B 145 5.71 12.74 1.67
C ASN B 145 7.18 12.36 1.76
N GLY B 146 8.04 13.32 1.44
CA GLY B 146 9.47 13.09 1.50
C GLY B 146 9.84 12.62 2.89
N GLY B 147 10.72 11.62 2.94
CA GLY B 147 11.17 11.09 4.22
C GLY B 147 10.17 10.16 4.88
N GLN B 148 9.07 9.83 4.21
CA GLN B 148 8.07 8.92 4.79
C GLN B 148 7.59 7.90 3.78
N ALA B 149 8.48 7.45 2.91
CA ALA B 149 8.11 6.47 1.90
C ALA B 149 7.48 5.21 2.53
N ASN B 150 8.01 4.78 3.66
CA ASN B 150 7.49 3.59 4.34
C ASN B 150 6.10 3.82 4.90
N PHE B 151 5.91 4.96 5.57
CA PHE B 151 4.63 5.32 6.16
C PHE B 151 3.57 5.45 5.07
N ALA B 152 3.95 6.14 4.00
CA ALA B 152 3.07 6.37 2.87
C ALA B 152 2.61 5.05 2.21
N ALA B 153 3.56 4.12 2.04
CA ALA B 153 3.26 2.82 1.43
C ALA B 153 2.19 2.12 2.24
N ALA B 154 2.37 2.08 3.55
CA ALA B 154 1.40 1.41 4.42
C ALA B 154 0.02 2.09 4.39
N LYS B 155 0.01 3.42 4.46
CA LYS B 155 -1.26 4.16 4.47
C LYS B 155 -2.01 4.05 3.16
N ALA B 156 -1.26 4.03 2.05
CA ALA B 156 -1.87 3.89 0.73
C ALA B 156 -2.33 2.44 0.64
N GLY B 157 -1.45 1.52 1.04
CA GLY B 157 -1.78 0.10 1.00
C GLY B 157 -3.04 -0.31 1.76
N LEU B 158 -3.29 0.28 2.93
CA LEU B 158 -4.47 -0.10 3.67
C LEU B 158 -5.77 0.31 2.97
N ILE B 159 -5.69 1.30 2.10
CA ILE B 159 -6.87 1.75 1.34
C ILE B 159 -7.13 0.68 0.27
N GLY B 160 -6.07 0.22 -0.38
CA GLY B 160 -6.21 -0.81 -1.40
C GLY B 160 -6.83 -2.04 -0.75
N PHE B 161 -6.33 -2.36 0.44
CA PHE B 161 -6.84 -3.51 1.20
C PHE B 161 -8.35 -3.33 1.49
N SER B 162 -8.71 -2.22 2.10
CA SER B 162 -10.09 -1.94 2.46
C SER B 162 -11.02 -1.95 1.27
N LYS B 163 -10.57 -1.45 0.13
CA LYS B 163 -11.41 -1.45 -1.05
C LYS B 163 -11.76 -2.87 -1.45
N SER B 164 -10.77 -3.75 -1.43
CA SER B 164 -10.98 -5.14 -1.80
C SER B 164 -11.85 -5.89 -0.79
N LEU B 165 -11.57 -5.70 0.50
CA LEU B 165 -12.35 -6.36 1.53
C LEU B 165 -13.79 -5.87 1.43
N ALA B 166 -13.95 -4.56 1.24
CA ALA B 166 -15.27 -3.94 1.12
C ALA B 166 -16.11 -4.66 0.05
N ARG B 167 -15.48 -4.98 -1.07
CA ARG B 167 -16.19 -5.68 -2.15
C ARG B 167 -16.58 -7.11 -1.76
N GLU B 168 -15.81 -7.74 -0.87
CA GLU B 168 -16.09 -9.11 -0.46
C GLU B 168 -17.24 -9.23 0.53
N VAL B 169 -17.38 -8.25 1.42
CA VAL B 169 -18.42 -8.32 2.41
C VAL B 169 -19.54 -7.28 2.31
N ALA B 170 -19.54 -6.48 1.25
CA ALA B 170 -20.57 -5.45 1.07
C ALA B 170 -22.00 -5.97 1.20
N SER B 171 -22.30 -7.03 0.45
CA SER B 171 -23.65 -7.60 0.49
C SER B 171 -24.01 -8.18 1.85
N ARG B 172 -23.00 -8.47 2.68
CA ARG B 172 -23.26 -9.04 4.00
C ARG B 172 -23.50 -8.00 5.10
N GLY B 173 -23.81 -6.75 4.71
CA GLY B 173 -24.07 -5.70 5.67
C GLY B 173 -22.89 -5.19 6.49
N ILE B 174 -21.70 -5.29 5.91
CA ILE B 174 -20.47 -4.85 6.56
C ILE B 174 -19.77 -3.82 5.69
N THR B 175 -19.41 -2.68 6.28
CA THR B 175 -18.72 -1.65 5.53
C THR B 175 -17.25 -1.61 5.99
N VAL B 176 -16.37 -1.25 5.06
CA VAL B 176 -14.96 -1.15 5.34
C VAL B 176 -14.53 0.18 4.75
N ASN B 177 -14.16 1.11 5.62
CA ASN B 177 -13.78 2.45 5.20
C ASN B 177 -12.48 2.95 5.83
N VAL B 178 -12.03 4.11 5.37
CA VAL B 178 -10.83 4.70 5.91
C VAL B 178 -11.03 6.18 6.16
N VAL B 179 -10.56 6.64 7.31
CA VAL B 179 -10.63 8.06 7.65
C VAL B 179 -9.16 8.51 7.56
N ALA B 180 -8.90 9.49 6.71
CA ALA B 180 -7.54 10.00 6.52
C ALA B 180 -7.32 11.39 7.12
N PRO B 181 -6.72 11.45 8.32
CA PRO B 181 -6.47 12.72 8.99
C PRO B 181 -5.32 13.50 8.34
N GLY B 182 -5.35 14.83 8.48
CA GLY B 182 -4.27 15.64 7.97
C GLY B 182 -3.35 15.83 9.18
N PHE B 183 -2.91 17.07 9.44
CA PHE B 183 -2.06 17.28 10.61
C PHE B 183 -2.95 17.44 11.83
N ILE B 184 -2.80 16.56 12.81
CA ILE B 184 -3.62 16.63 14.02
C ILE B 184 -2.76 16.92 15.26
N GLU B 185 -3.26 17.78 16.14
CA GLU B 185 -2.55 18.13 17.36
C GLU B 185 -2.43 16.91 18.26
N THR B 186 -1.20 16.44 18.43
CA THR B 186 -0.93 15.29 19.27
C THR B 186 0.48 15.46 19.80
N ASP B 187 1.07 14.36 20.28
CA ASP B 187 2.43 14.41 20.80
C ASP B 187 3.40 14.75 19.67
N MET B 188 3.27 14.01 18.57
CA MET B 188 4.14 14.19 17.42
C MET B 188 4.07 15.55 16.75
N THR B 189 3.20 16.43 17.25
CA THR B 189 3.12 17.77 16.68
C THR B 189 3.46 18.81 17.75
N ARG B 190 3.26 18.45 19.02
CA ARG B 190 3.58 19.37 20.12
C ARG B 190 5.06 19.30 20.43
N ALA B 191 5.74 18.31 19.84
CA ALA B 191 7.17 18.14 20.06
C ALA B 191 7.97 18.65 18.85
N LEU B 192 7.32 19.46 18.02
CA LEU B 192 7.98 20.04 16.85
C LEU B 192 8.31 21.46 17.25
N SER B 193 9.41 22.00 16.72
CA SER B 193 9.78 23.37 17.05
C SER B 193 8.73 24.33 16.54
N ASP B 194 8.68 25.51 17.15
CA ASP B 194 7.70 26.51 16.76
C ASP B 194 7.78 26.85 15.26
N ASP B 195 8.91 26.53 14.63
CA ASP B 195 9.08 26.79 13.20
C ASP B 195 8.46 25.68 12.37
N GLN B 196 8.65 24.44 12.78
CA GLN B 196 8.08 23.32 12.06
C GLN B 196 6.57 23.44 12.11
N ARG B 197 6.05 23.84 13.27
CA ARG B 197 4.60 24.00 13.45
C ARG B 197 4.05 25.02 12.45
N ALA B 198 4.77 26.13 12.29
CA ALA B 198 4.36 27.17 11.36
C ALA B 198 4.41 26.62 9.92
N GLY B 199 5.43 25.84 9.63
CA GLY B 199 5.58 25.26 8.31
C GLY B 199 4.39 24.38 7.97
N ILE B 200 3.91 23.67 8.99
CA ILE B 200 2.76 22.78 8.85
C ILE B 200 1.50 23.58 8.54
N LEU B 201 1.24 24.62 9.33
CA LEU B 201 0.06 25.45 9.14
C LEU B 201 0.01 26.15 7.79
N ALA B 202 1.15 26.40 7.20
CA ALA B 202 1.19 27.07 5.90
C ALA B 202 0.57 26.17 4.82
N GLN B 203 0.57 24.86 5.05
CA GLN B 203 0.02 23.92 4.09
C GLN B 203 -1.48 23.68 4.29
N VAL B 204 -2.01 24.16 5.40
CA VAL B 204 -3.43 23.93 5.70
C VAL B 204 -4.37 25.12 5.52
N PRO B 205 -5.14 25.13 4.43
CA PRO B 205 -6.06 26.25 4.21
C PRO B 205 -6.82 26.65 5.47
N ALA B 206 -7.28 25.68 6.25
CA ALA B 206 -8.02 25.99 7.46
C ALA B 206 -7.17 26.84 8.45
N GLY B 207 -5.86 26.78 8.32
CA GLY B 207 -4.99 27.57 9.19
C GLY B 207 -4.99 27.18 10.67
N ARG B 208 -5.10 25.89 10.95
CA ARG B 208 -5.08 25.36 12.31
C ARG B 208 -4.97 23.85 12.21
N LEU B 209 -4.37 23.21 13.20
CA LEU B 209 -4.29 21.76 13.17
C LEU B 209 -5.66 21.18 13.51
N GLY B 210 -5.97 20.01 12.97
CA GLY B 210 -7.25 19.39 13.27
C GLY B 210 -7.21 18.83 14.69
N GLY B 211 -8.38 18.59 15.26
CA GLY B 211 -8.43 18.05 16.60
C GLY B 211 -8.63 16.55 16.61
N ALA B 212 -8.05 15.88 17.61
CA ALA B 212 -8.18 14.44 17.75
C ALA B 212 -9.66 14.10 17.77
N GLN B 213 -10.43 14.90 18.49
CA GLN B 213 -11.87 14.70 18.59
C GLN B 213 -12.57 14.79 17.22
N GLU B 214 -12.04 15.63 16.33
CA GLU B 214 -12.62 15.81 15.02
C GLU B 214 -12.48 14.53 14.21
N ILE B 215 -11.37 13.83 14.40
CA ILE B 215 -11.15 12.57 13.71
C ILE B 215 -12.08 11.54 14.33
N ALA B 216 -12.28 11.65 15.64
CA ALA B 216 -13.19 10.73 16.34
C ALA B 216 -14.62 10.89 15.82
N ASN B 217 -15.03 12.12 15.55
CA ASN B 217 -16.38 12.36 15.05
C ASN B 217 -16.63 11.70 13.70
N ALA B 218 -15.61 11.70 12.84
CA ALA B 218 -15.75 11.10 11.52
C ALA B 218 -15.89 9.59 11.64
N VAL B 219 -15.10 9.01 12.52
CA VAL B 219 -15.14 7.58 12.74
C VAL B 219 -16.51 7.15 13.29
N ALA B 220 -17.02 7.91 14.26
CA ALA B 220 -18.30 7.61 14.87
C ALA B 220 -19.39 7.65 13.81
N PHE B 221 -19.34 8.65 12.94
CA PHE B 221 -20.33 8.74 11.87
C PHE B 221 -20.30 7.48 11.01
N LEU B 222 -19.12 7.11 10.55
CA LEU B 222 -18.94 5.92 9.72
C LEU B 222 -19.28 4.63 10.45
N ALA B 223 -19.08 4.62 11.77
CA ALA B 223 -19.36 3.42 12.55
C ALA B 223 -20.85 3.27 12.85
N SER B 224 -21.60 4.36 12.69
CA SER B 224 -23.03 4.35 12.97
C SER B 224 -23.84 3.77 11.83
N ASP B 225 -25.14 3.60 12.07
CA ASP B 225 -26.06 3.06 11.07
C ASP B 225 -26.43 4.12 10.06
N GLU B 226 -26.01 5.35 10.29
CA GLU B 226 -26.30 6.43 9.37
C GLU B 226 -25.37 6.40 8.16
N ALA B 227 -24.37 5.50 8.19
CA ALA B 227 -23.40 5.38 7.10
C ALA B 227 -23.36 3.97 6.47
N ALA B 228 -24.48 3.26 6.52
CA ALA B 228 -24.56 1.91 5.98
C ALA B 228 -24.30 1.82 4.48
N TYR B 229 -24.53 2.89 3.75
CA TYR B 229 -24.29 2.87 2.31
C TYR B 229 -22.92 3.41 1.91
N ILE B 230 -22.05 3.59 2.90
CA ILE B 230 -20.71 4.08 2.64
C ILE B 230 -19.71 2.96 2.88
N THR B 231 -19.06 2.48 1.84
CA THR B 231 -18.07 1.42 2.01
C THR B 231 -17.02 1.54 0.93
N GLY B 232 -15.81 1.09 1.23
CA GLY B 232 -14.72 1.18 0.28
C GLY B 232 -14.35 2.63 0.05
N GLU B 233 -14.86 3.51 0.91
CA GLU B 233 -14.62 4.95 0.82
C GLU B 233 -13.53 5.48 1.77
N THR B 234 -12.92 6.59 1.37
CA THR B 234 -11.92 7.21 2.19
C THR B 234 -12.42 8.60 2.51
N LEU B 235 -12.54 8.87 3.81
CA LEU B 235 -13.00 10.18 4.28
C LEU B 235 -11.81 11.02 4.75
N HIS B 236 -11.50 12.08 4.00
CA HIS B 236 -10.38 12.96 4.30
C HIS B 236 -10.81 14.04 5.29
N VAL B 237 -10.07 14.15 6.39
CA VAL B 237 -10.34 15.13 7.42
C VAL B 237 -9.02 15.85 7.63
N ASN B 238 -8.73 16.81 6.75
CA ASN B 238 -7.46 17.52 6.79
C ASN B 238 -7.48 19.05 6.69
N GLY B 239 -8.63 19.68 6.88
CA GLY B 239 -8.70 21.12 6.80
C GLY B 239 -8.39 21.73 5.43
N GLY B 240 -8.44 20.91 4.38
CA GLY B 240 -8.16 21.41 3.04
C GLY B 240 -6.70 21.28 2.62
N MET B 241 -5.90 20.62 3.44
CA MET B 241 -4.49 20.40 3.14
C MET B 241 -4.37 19.68 1.81
N TYR B 242 -5.33 18.81 1.53
CA TYR B 242 -5.33 18.06 0.29
C TYR B 242 -6.79 17.82 -0.08
N MET B 243 -7.09 17.85 -1.37
CA MET B 243 -8.46 17.66 -1.82
C MET B 243 -8.46 16.69 -2.98
N VAL B 244 -9.23 15.63 -2.83
CA VAL B 244 -9.33 14.62 -3.88
C VAL B 244 -10.73 14.64 -4.45
PA NDP C . 4.49 -15.48 -13.03
O1A NDP C . 3.18 -15.65 -13.78
O2A NDP C . 5.65 -16.25 -13.24
O5B NDP C . 4.85 -13.90 -13.18
C5B NDP C . 5.65 -13.30 -12.14
C4B NDP C . 6.88 -12.69 -12.89
O4B NDP C . 7.65 -12.12 -11.76
C3B NDP C . 7.83 -13.74 -13.47
O3B NDP C . 8.50 -13.09 -14.55
C2B NDP C . 8.75 -14.10 -12.34
O2B NDP C . 10.01 -14.62 -12.76
C1B NDP C . 8.91 -12.76 -11.55
N9A NDP C . 9.09 -13.08 -10.12
C8A NDP C . 8.25 -13.73 -9.24
N7A NDP C . 8.71 -13.85 -8.01
C5A NDP C . 9.94 -13.24 -8.09
C6A NDP C . 10.91 -13.04 -7.10
N6A NDP C . 10.84 -13.43 -5.82
N1A NDP C . 12.08 -12.37 -7.46
C2A NDP C . 12.27 -11.92 -8.77
N3A NDP C . 11.33 -12.09 -9.79
C4A NDP C . 10.18 -12.75 -9.40
O3 NDP C . 4.07 -15.60 -11.50
PN NDP C . 3.95 -16.85 -10.50
O1N NDP C . 3.05 -16.40 -9.41
O2N NDP C . 3.55 -18.06 -11.23
O5D NDP C . 5.45 -17.05 -10.02
P2B NDP C . 10.17 -16.07 -13.47
O1X NDP C . 9.92 -15.74 -14.88
O2X NDP C . 9.10 -16.99 -12.87
O3X NDP C . 11.56 -16.56 -13.14
PA NDP D . 3.53 6.25 19.65
O1A NDP D . 3.86 7.73 19.48
O2A NDP D . 3.48 5.57 20.88
O5B NDP D . 2.13 6.06 18.86
C5B NDP D . 1.84 4.76 18.33
C4B NDP D . 0.45 4.35 18.96
O4B NDP D . 0.27 2.99 18.37
C3B NDP D . 0.53 4.09 20.48
O3B NDP D . -0.81 4.31 20.94
C2B NDP D . 0.96 2.64 20.60
O2B NDP D . 0.58 2.02 21.82
C1B NDP D . 0.29 1.95 19.35
N9A NDP D . 1.17 0.86 18.91
C8A NDP D . 2.47 0.89 18.45
N7A NDP D . 2.97 -0.28 18.12
C5A NDP D . 1.92 -1.15 18.39
C6A NDP D . 1.85 -2.53 18.23
N6A NDP D . 2.82 -3.34 17.77
N1A NDP D . 0.65 -3.16 18.57
C2A NDP D . -0.43 -2.41 19.07
N3A NDP D . -0.39 -1.03 19.23
C4A NDP D . 0.81 -0.43 18.87
O3 NDP D . 4.59 5.52 18.70
PN NDP D . 6.06 4.96 18.96
O1N NDP D . 6.68 4.86 17.62
O2N NDP D . 6.77 5.79 19.94
O5D NDP D . 5.80 3.54 19.62
P2B NDP D . 1.23 2.44 23.27
O1X NDP D . 0.37 3.58 23.67
O2X NDP D . 2.68 2.83 23.00
O3X NDP D . 1.14 1.22 24.14
#